data_2PFT
#
_entry.id   2PFT
#
_cell.length_a   61.520
_cell.length_b   61.520
_cell.length_c   294.730
_cell.angle_alpha   90.000
_cell.angle_beta   90.000
_cell.angle_gamma   120.000
#
_symmetry.space_group_name_H-M   'P 32 2 1'
#
loop_
_entity.id
_entity.type
_entity.pdbx_description
1 polymer 'Exocytosis Protein'
2 water water
#
_entity_poly.entity_id   1
_entity_poly.type   'polypeptide(L)'
_entity_poly.pdbx_seq_one_letter_code
;GSDHVISYYHVASDTEKIIREGPTGRLEEYLGSMAKIQKAVEYFQDNSPDSPELNKVKLLFERGKESLESEFRSLMTRHS
KVVSPVLLLDLISADDELEVQEDVVLEHLPESVLRDVVRISRWLVEYGRNQDFMNVYYQIRSSQLDRSIKGLKEHFRKSS
SSSGVPYSPAIPNKRKDTPTKKPIKRPGRDDMLDVETDAYIHCVSAFVKLAQSEYRLLMEIIPEHHQKKTFDSLIQDALD
GLMLEGENIVSAARKAIIRHDFSTVLTVFPILRHLKQTKPEFDQVLQGTAASTKNKLPGLITSMETIGAKALEDFADNIK
NDPDKEYNMPKDGTVHELTSNAILFLQQLLDFQETAGAMLASQETSSSATSYSSEFSKRLLSTYICKVLGNLQLNLLSKS
KVYEDPALSAIFLHNNYNYILKSLEKSELIQLVAVTQKTAERSYREHIEQQIQTYQRSWLKVTDYIAEKNLPVFQPGVKL
RDKERQMIKERFKGFNDGLEELCKIQKVWAIPDTEQRDKIRQAQKDIVKETYGAFLHRYGSVPFTKNPEKYIKYRVEQVG
DMIDRLFDTSA
;
_entity_poly.pdbx_strand_id   A
#
# COMPACT_ATOMS: atom_id res chain seq x y z
N ASP A 3 62.38 20.26 50.29
CA ASP A 3 62.89 21.38 49.45
C ASP A 3 62.57 21.14 47.97
N HIS A 4 61.37 20.63 47.71
CA HIS A 4 60.93 20.34 46.35
C HIS A 4 60.32 21.56 45.67
N VAL A 5 60.76 22.75 46.06
CA VAL A 5 60.25 23.98 45.45
C VAL A 5 61.02 24.30 44.17
N ILE A 6 62.19 23.70 44.02
CA ILE A 6 63.02 23.93 42.85
C ILE A 6 62.54 23.08 41.68
N SER A 7 61.86 21.99 41.99
CA SER A 7 61.34 21.09 40.96
C SER A 7 60.36 21.77 40.00
N TYR A 8 59.71 22.83 40.45
CA TYR A 8 58.74 23.53 39.60
C TYR A 8 59.42 24.25 38.45
N TYR A 9 60.62 24.77 38.70
CA TYR A 9 61.36 25.49 37.68
C TYR A 9 61.91 24.57 36.60
N HIS A 10 61.77 23.26 36.82
CA HIS A 10 62.24 22.27 35.85
C HIS A 10 61.08 21.61 35.10
N VAL A 11 59.87 21.75 35.62
CA VAL A 11 58.70 21.15 34.99
C VAL A 11 58.65 21.35 33.48
N ALA A 12 58.72 22.60 33.02
CA ALA A 12 58.64 22.89 31.59
C ALA A 12 59.65 22.15 30.71
N SER A 13 60.93 22.17 31.08
CA SER A 13 61.95 21.50 30.29
C SER A 13 61.73 19.99 30.26
N ASP A 14 61.48 19.43 31.44
CA ASP A 14 61.27 18.00 31.61
C ASP A 14 59.98 17.45 30.96
N THR A 15 58.98 18.30 30.76
CA THR A 15 57.73 17.83 30.18
C THR A 15 57.52 18.23 28.71
N GLU A 16 58.31 19.19 28.23
CA GLU A 16 58.17 19.67 26.85
C GLU A 16 58.06 18.54 25.83
N LYS A 17 59.02 17.63 25.86
CA LYS A 17 59.06 16.50 24.94
C LYS A 17 57.76 15.68 24.86
N ILE A 18 57.38 15.04 25.96
CA ILE A 18 56.18 14.24 26.00
C ILE A 18 54.98 15.06 25.56
N ILE A 19 54.81 16.24 26.14
CA ILE A 19 53.69 17.10 25.77
C ILE A 19 53.66 17.33 24.26
N ARG A 20 54.83 17.54 23.66
CA ARG A 20 54.87 17.77 22.21
C ARG A 20 54.60 16.51 21.41
N GLU A 21 55.05 15.35 21.91
CA GLU A 21 54.84 14.11 21.19
C GLU A 21 53.39 13.62 21.15
N GLY A 22 52.56 14.07 22.09
CA GLY A 22 51.18 13.63 22.08
C GLY A 22 50.87 12.47 23.00
N PRO A 23 49.59 12.30 23.37
CA PRO A 23 49.08 11.26 24.27
C PRO A 23 48.72 9.91 23.67
N THR A 24 48.84 9.79 22.36
CA THR A 24 48.45 8.55 21.70
C THR A 24 49.11 7.29 22.28
N GLY A 25 48.27 6.37 22.75
CA GLY A 25 48.75 5.12 23.33
C GLY A 25 49.20 5.18 24.77
N ARG A 26 49.22 6.37 25.35
CA ARG A 26 49.67 6.53 26.73
C ARG A 26 48.95 7.68 27.41
N LEU A 27 47.63 7.64 27.38
CA LEU A 27 46.81 8.68 27.97
C LEU A 27 47.11 8.94 29.43
N GLU A 28 47.12 7.89 30.25
CA GLU A 28 47.37 8.08 31.67
C GLU A 28 48.71 8.75 31.92
N GLU A 29 49.74 8.27 31.24
CA GLU A 29 51.07 8.83 31.39
C GLU A 29 51.06 10.31 31.03
N TYR A 30 50.42 10.62 29.90
CA TYR A 30 50.32 12.00 29.43
C TYR A 30 49.60 12.87 30.48
N LEU A 31 48.46 12.42 30.97
CA LEU A 31 47.73 13.21 31.97
C LEU A 31 48.54 13.40 33.26
N GLY A 32 49.45 12.48 33.56
CA GLY A 32 50.29 12.62 34.74
C GLY A 32 51.25 13.78 34.53
N SER A 33 51.77 13.91 33.31
CA SER A 33 52.66 15.03 32.99
C SER A 33 51.84 16.31 32.98
N MET A 34 50.61 16.23 32.46
CA MET A 34 49.74 17.40 32.44
C MET A 34 49.49 17.86 33.86
N ALA A 35 49.34 16.91 34.78
CA ALA A 35 49.10 17.26 36.18
C ALA A 35 50.35 17.91 36.78
N LYS A 36 51.52 17.45 36.36
CA LYS A 36 52.78 18.01 36.86
C LYS A 36 52.83 19.48 36.41
N ILE A 37 52.46 19.69 35.16
CA ILE A 37 52.48 21.04 34.61
C ILE A 37 51.45 21.90 35.35
N GLN A 38 50.25 21.38 35.55
CA GLN A 38 49.23 22.15 36.25
C GLN A 38 49.64 22.43 37.70
N LYS A 39 50.48 21.58 38.27
CA LYS A 39 50.94 21.80 39.63
C LYS A 39 51.85 23.03 39.61
N ALA A 40 52.67 23.13 38.57
CA ALA A 40 53.58 24.26 38.42
C ALA A 40 52.78 25.54 38.22
N VAL A 41 51.71 25.46 37.46
CA VAL A 41 50.89 26.64 37.21
C VAL A 41 50.34 27.19 38.53
N GLU A 42 49.79 26.31 39.37
CA GLU A 42 49.22 26.69 40.65
C GLU A 42 50.31 27.23 41.57
N TYR A 43 51.50 26.66 41.49
CA TYR A 43 52.58 27.12 42.34
C TYR A 43 52.95 28.55 42.01
N PHE A 44 53.22 28.80 40.74
CA PHE A 44 53.60 30.13 40.29
C PHE A 44 52.50 31.18 40.41
N GLN A 45 51.25 30.80 40.17
CA GLN A 45 50.15 31.75 40.29
C GLN A 45 49.98 32.18 41.74
N ASP A 46 50.16 31.25 42.67
CA ASP A 46 50.00 31.56 44.08
C ASP A 46 51.29 31.97 44.80
N ASN A 47 52.41 32.03 44.08
CA ASN A 47 53.67 32.41 44.73
C ASN A 47 54.60 33.29 43.90
N SER A 48 54.31 33.45 42.62
CA SER A 48 55.14 34.28 41.76
C SER A 48 54.40 34.65 40.48
N PRO A 49 53.20 35.24 40.62
CA PRO A 49 52.40 35.63 39.46
C PRO A 49 53.16 36.50 38.49
N ASP A 50 52.56 36.71 37.33
CA ASP A 50 53.13 37.52 36.27
C ASP A 50 54.64 37.35 36.05
N SER A 51 55.17 36.16 36.32
CA SER A 51 56.60 35.90 36.12
C SER A 51 56.76 35.02 34.86
N PRO A 52 57.98 34.95 34.31
CA PRO A 52 58.26 34.15 33.11
C PRO A 52 57.97 32.66 33.24
N GLU A 53 58.44 32.06 34.33
CA GLU A 53 58.22 30.65 34.55
C GLU A 53 56.72 30.33 34.44
N LEU A 54 55.90 31.17 35.06
CA LEU A 54 54.45 30.99 35.03
C LEU A 54 53.87 30.92 33.62
N ASN A 55 54.28 31.83 32.75
CA ASN A 55 53.77 31.83 31.38
C ASN A 55 54.19 30.57 30.63
N LYS A 56 55.47 30.22 30.74
CA LYS A 56 55.96 29.05 30.04
C LYS A 56 55.15 27.78 30.35
N VAL A 57 54.85 27.53 31.63
CA VAL A 57 54.09 26.34 31.96
C VAL A 57 52.63 26.47 31.54
N LYS A 58 52.10 27.69 31.54
CA LYS A 58 50.72 27.91 31.13
C LYS A 58 50.55 27.60 29.65
N LEU A 59 51.58 27.88 28.86
CA LEU A 59 51.49 27.61 27.43
C LEU A 59 51.64 26.13 27.13
N LEU A 60 52.53 25.47 27.86
CA LEU A 60 52.73 24.03 27.65
C LEU A 60 51.40 23.34 27.97
N PHE A 61 50.70 23.83 28.98
CA PHE A 61 49.41 23.29 29.38
C PHE A 61 48.40 23.46 28.28
N GLU A 62 48.40 24.64 27.65
CA GLU A 62 47.49 24.92 26.56
C GLU A 62 47.80 24.00 25.39
N ARG A 63 49.08 23.76 25.13
CA ARG A 63 49.43 22.87 24.02
C ARG A 63 48.94 21.48 24.34
N GLY A 64 49.14 21.06 25.59
CA GLY A 64 48.70 19.73 26.01
C GLY A 64 47.20 19.58 25.83
N LYS A 65 46.46 20.59 26.23
CA LYS A 65 45.00 20.59 26.12
C LYS A 65 44.60 20.45 24.65
N GLU A 66 45.31 21.14 23.77
CA GLU A 66 44.98 21.04 22.36
C GLU A 66 45.25 19.63 21.84
N SER A 67 46.34 19.02 22.30
CA SER A 67 46.64 17.65 21.86
C SER A 67 45.56 16.66 22.33
N LEU A 68 45.04 16.86 23.53
CA LEU A 68 44.01 15.98 24.04
C LEU A 68 42.74 16.11 23.18
N GLU A 69 42.41 17.34 22.80
CA GLU A 69 41.26 17.55 21.95
C GLU A 69 41.43 16.75 20.67
N SER A 70 42.60 16.89 20.04
CA SER A 70 42.87 16.16 18.79
C SER A 70 42.80 14.67 18.98
N GLU A 71 43.35 14.18 20.10
CA GLU A 71 43.35 12.76 20.39
C GLU A 71 41.90 12.25 20.50
N PHE A 72 41.02 13.09 21.04
CA PHE A 72 39.62 12.71 21.20
C PHE A 72 39.04 12.42 19.83
N ARG A 73 39.23 13.39 18.94
CA ARG A 73 38.75 13.29 17.55
C ARG A 73 39.35 12.09 16.86
N SER A 74 40.67 11.99 16.88
CA SER A 74 41.35 10.89 16.21
C SER A 74 40.89 9.52 16.68
N LEU A 75 40.65 9.38 17.99
CA LEU A 75 40.19 8.08 18.51
C LEU A 75 38.77 7.76 17.99
N MET A 76 37.90 8.76 17.98
CA MET A 76 36.53 8.59 17.52
C MET A 76 36.48 8.31 16.01
N THR A 77 37.32 9.01 15.26
CA THR A 77 37.39 8.86 13.82
C THR A 77 37.90 7.49 13.42
N ARG A 78 38.98 7.07 14.06
CA ARG A 78 39.59 5.78 13.76
C ARG A 78 38.78 4.58 14.17
N HIS A 79 37.96 4.72 15.20
CA HIS A 79 37.19 3.59 15.70
C HIS A 79 35.68 3.59 15.51
N SER A 80 35.11 4.70 15.08
CA SER A 80 33.67 4.71 14.86
C SER A 80 33.43 3.99 13.54
N LYS A 81 32.78 2.83 13.61
CA LYS A 81 32.52 2.04 12.42
C LYS A 81 31.06 1.90 12.07
N VAL A 82 30.79 1.59 10.81
CA VAL A 82 29.44 1.38 10.31
C VAL A 82 29.03 -0.02 10.71
N VAL A 83 27.77 -0.21 11.09
CA VAL A 83 27.29 -1.54 11.46
C VAL A 83 26.96 -2.33 10.19
N SER A 84 27.43 -3.57 10.13
CA SER A 84 27.19 -4.43 8.97
C SER A 84 25.71 -4.72 8.70
N PRO A 85 25.34 -4.89 7.42
CA PRO A 85 23.96 -5.18 7.01
C PRO A 85 23.41 -6.41 7.72
N VAL A 86 24.16 -7.51 7.64
CA VAL A 86 23.75 -8.76 8.28
C VAL A 86 23.57 -8.56 9.78
N LEU A 87 24.47 -7.82 10.41
CA LEU A 87 24.37 -7.58 11.85
C LEU A 87 23.12 -6.77 12.21
N LEU A 88 22.78 -5.82 11.35
CA LEU A 88 21.59 -4.99 11.57
C LEU A 88 20.34 -5.84 11.51
N LEU A 89 20.25 -6.70 10.51
CA LEU A 89 19.09 -7.57 10.35
C LEU A 89 18.91 -8.51 11.53
N ASP A 90 20.02 -8.97 12.11
CA ASP A 90 19.93 -9.87 13.26
C ASP A 90 19.47 -9.08 14.47
N LEU A 91 19.99 -7.86 14.61
CA LEU A 91 19.63 -7.01 15.72
C LEU A 91 18.11 -6.76 15.68
N ILE A 92 17.59 -6.55 14.48
CA ILE A 92 16.17 -6.29 14.30
C ILE A 92 15.36 -7.57 14.52
N SER A 93 15.77 -8.62 13.83
CA SER A 93 15.12 -9.92 13.94
C SER A 93 14.95 -10.31 15.40
N ALA A 94 15.93 -9.95 16.22
CA ALA A 94 15.93 -10.25 17.65
C ALA A 94 15.03 -9.29 18.42
N ASP A 95 15.24 -7.99 18.19
CA ASP A 95 14.48 -6.94 18.85
C ASP A 95 14.87 -6.84 20.33
N ASP A 96 16.09 -6.37 20.59
CA ASP A 96 16.59 -6.25 21.96
C ASP A 96 16.68 -4.86 22.57
N GLU A 97 17.34 -4.79 23.72
CA GLU A 97 17.55 -3.57 24.49
C GLU A 97 17.92 -2.38 23.62
N LEU A 106 26.50 -4.70 21.45
CA LEU A 106 26.92 -3.97 20.26
C LEU A 106 28.12 -3.09 20.58
N GLU A 107 29.33 -3.63 20.41
CA GLU A 107 30.55 -2.89 20.70
C GLU A 107 30.95 -1.90 19.62
N HIS A 108 30.75 -0.62 19.91
CA HIS A 108 31.08 0.45 18.99
C HIS A 108 32.57 0.79 19.00
N LEU A 109 33.20 0.61 20.16
CA LEU A 109 34.62 0.93 20.31
C LEU A 109 35.35 -0.11 21.15
N PRO A 110 36.63 -0.35 20.83
CA PRO A 110 37.35 -1.33 21.66
C PRO A 110 37.20 -0.85 23.10
N GLU A 111 37.19 -1.76 24.08
CA GLU A 111 37.06 -1.33 25.47
C GLU A 111 38.15 -0.33 25.90
N SER A 112 39.35 -0.47 25.34
CA SER A 112 40.43 0.45 25.69
C SER A 112 40.17 1.85 25.13
N VAL A 113 39.70 1.92 23.89
CA VAL A 113 39.42 3.21 23.27
C VAL A 113 38.31 3.92 24.04
N LEU A 114 37.27 3.17 24.40
CA LEU A 114 36.17 3.77 25.15
C LEU A 114 36.70 4.39 26.44
N ARG A 115 37.52 3.63 27.17
CA ARG A 115 38.07 4.13 28.42
C ARG A 115 38.76 5.47 28.18
N ASP A 116 39.59 5.54 27.15
CA ASP A 116 40.30 6.78 26.82
C ASP A 116 39.36 7.93 26.47
N VAL A 117 38.47 7.74 25.50
CA VAL A 117 37.59 8.85 25.13
C VAL A 117 36.78 9.36 26.34
N VAL A 118 36.37 8.46 27.22
CA VAL A 118 35.62 8.86 28.40
C VAL A 118 36.55 9.72 29.26
N ARG A 119 37.76 9.21 29.49
CA ARG A 119 38.75 9.92 30.30
C ARG A 119 39.03 11.29 29.70
N ILE A 120 39.28 11.36 28.40
CA ILE A 120 39.54 12.64 27.78
C ILE A 120 38.34 13.56 27.91
N SER A 121 37.14 13.00 27.73
CA SER A 121 35.96 13.82 27.84
C SER A 121 35.82 14.43 29.23
N ARG A 122 35.95 13.59 30.26
CA ARG A 122 35.84 14.07 31.63
C ARG A 122 36.92 15.11 31.93
N TRP A 123 38.14 14.89 31.42
CA TRP A 123 39.22 15.85 31.62
C TRP A 123 38.91 17.18 30.91
N LEU A 124 38.56 17.12 29.62
CA LEU A 124 38.24 18.35 28.89
C LEU A 124 37.09 19.10 29.56
N VAL A 125 36.17 18.38 30.17
CA VAL A 125 35.04 19.03 30.82
C VAL A 125 35.46 19.98 31.93
N GLU A 126 36.41 19.58 32.78
CA GLU A 126 36.80 20.50 33.84
C GLU A 126 38.05 21.34 33.62
N TYR A 127 38.78 21.09 32.55
CA TYR A 127 39.99 21.88 32.29
C TYR A 127 39.89 22.63 30.96
N GLY A 128 38.97 22.19 30.11
CA GLY A 128 38.79 22.81 28.80
C GLY A 128 37.99 24.09 28.81
N ARG A 129 38.21 24.91 27.79
CA ARG A 129 37.52 26.19 27.67
C ARG A 129 36.15 26.08 27.01
N ASN A 130 35.98 25.05 26.19
CA ASN A 130 34.71 24.85 25.47
C ASN A 130 34.34 23.39 25.29
N GLN A 131 33.14 23.18 24.75
CA GLN A 131 32.62 21.84 24.53
C GLN A 131 32.65 21.44 23.05
N ASP A 132 33.55 22.03 22.26
CA ASP A 132 33.60 21.67 20.85
C ASP A 132 33.94 20.20 20.54
N PHE A 133 34.48 19.48 21.52
CA PHE A 133 34.78 18.07 21.27
C PHE A 133 33.45 17.31 21.25
N MET A 134 32.43 17.88 21.88
CA MET A 134 31.11 17.25 21.92
C MET A 134 30.49 17.31 20.53
N ASN A 135 30.70 18.43 19.82
CA ASN A 135 30.17 18.57 18.46
C ASN A 135 30.91 17.57 17.57
N VAL A 136 32.22 17.48 17.79
CA VAL A 136 33.05 16.54 17.04
C VAL A 136 32.51 15.13 17.28
N TYR A 137 32.00 14.88 18.48
CA TYR A 137 31.46 13.56 18.81
C TYR A 137 30.19 13.23 18.03
N TYR A 138 29.19 14.11 18.06
CA TYR A 138 27.95 13.82 17.35
C TYR A 138 28.11 13.85 15.82
N GLN A 139 29.16 14.51 15.33
CA GLN A 139 29.40 14.57 13.88
C GLN A 139 29.96 13.25 13.37
N ILE A 140 30.84 12.63 14.15
CA ILE A 140 31.41 11.35 13.73
C ILE A 140 30.40 10.22 13.90
N ARG A 141 29.66 10.24 15.00
CA ARG A 141 28.67 9.21 15.25
C ARG A 141 27.51 9.34 14.26
N SER A 142 27.13 10.59 13.95
CA SER A 142 26.05 10.86 13.02
C SER A 142 26.40 10.29 11.66
N SER A 143 27.64 10.51 11.23
CA SER A 143 28.06 10.02 9.93
C SER A 143 27.94 8.50 9.82
N GLN A 144 28.38 7.79 10.86
CA GLN A 144 28.31 6.33 10.82
C GLN A 144 26.88 5.81 10.97
N LEU A 145 26.05 6.56 11.70
CA LEU A 145 24.68 6.14 11.88
C LEU A 145 23.97 6.18 10.51
N ASP A 146 24.07 7.32 9.84
CA ASP A 146 23.45 7.51 8.54
C ASP A 146 23.97 6.45 7.57
N ARG A 147 25.28 6.25 7.56
CA ARG A 147 25.89 5.26 6.68
C ARG A 147 25.39 3.84 6.98
N SER A 148 25.24 3.50 8.25
CA SER A 148 24.76 2.16 8.60
C SER A 148 23.38 1.93 8.03
N ILE A 149 22.53 2.95 8.07
CA ILE A 149 21.19 2.79 7.56
C ILE A 149 21.15 2.72 6.04
N LYS A 150 21.90 3.59 5.36
CA LYS A 150 21.94 3.55 3.91
C LYS A 150 22.60 2.25 3.44
N GLY A 151 23.51 1.71 4.27
CA GLY A 151 24.17 0.47 3.90
C GLY A 151 23.18 -0.67 3.95
N LEU A 152 22.23 -0.60 4.88
CA LEU A 152 21.22 -1.63 5.02
C LEU A 152 20.33 -1.63 3.79
N LYS A 153 20.06 -0.44 3.28
CA LYS A 153 19.24 -0.27 2.09
C LYS A 153 19.93 -0.89 0.89
N GLU A 154 21.19 -0.51 0.69
CA GLU A 154 21.96 -1.03 -0.43
C GLU A 154 22.11 -2.55 -0.35
N HIS A 155 21.93 -3.11 0.84
CA HIS A 155 22.01 -4.55 1.04
C HIS A 155 20.83 -5.26 0.39
N PHE A 156 19.62 -4.78 0.67
CA PHE A 156 18.41 -5.35 0.10
C PHE A 156 18.42 -5.25 -1.42
N ARG A 157 18.83 -4.09 -1.92
CA ARG A 157 18.91 -3.86 -3.36
C ARG A 157 19.95 -4.76 -4.00
N LYS A 158 20.85 -5.28 -3.17
CA LYS A 158 21.91 -6.17 -3.64
C LYS A 158 21.40 -7.60 -3.67
N SER A 159 20.81 -8.04 -2.57
CA SER A 159 20.26 -9.39 -2.46
C SER A 159 19.17 -9.62 -3.51
N LEU A 193 9.32 -2.68 -6.52
CA LEU A 193 8.84 -4.01 -6.14
C LEU A 193 8.70 -4.15 -4.62
N ASP A 194 8.53 -5.39 -4.16
CA ASP A 194 8.40 -5.67 -2.74
C ASP A 194 9.72 -5.44 -2.01
N VAL A 195 10.80 -5.34 -2.79
CA VAL A 195 12.13 -5.12 -2.22
C VAL A 195 12.25 -3.76 -1.53
N GLU A 196 12.10 -2.69 -2.29
CA GLU A 196 12.19 -1.34 -1.74
C GLU A 196 11.30 -1.16 -0.51
N THR A 197 10.09 -1.70 -0.58
CA THR A 197 9.17 -1.59 0.54
C THR A 197 9.76 -2.31 1.74
N ASP A 198 10.36 -3.46 1.49
CA ASP A 198 10.95 -4.27 2.55
C ASP A 198 12.17 -3.56 3.16
N ALA A 199 13.01 -2.99 2.29
CA ALA A 199 14.22 -2.30 2.73
C ALA A 199 13.85 -1.05 3.55
N TYR A 200 12.81 -0.35 3.13
CA TYR A 200 12.41 0.83 3.86
C TYR A 200 11.91 0.46 5.25
N ILE A 201 11.16 -0.63 5.33
CA ILE A 201 10.63 -1.05 6.62
C ILE A 201 11.71 -1.40 7.64
N HIS A 202 12.75 -2.11 7.22
CA HIS A 202 13.83 -2.50 8.12
C HIS A 202 14.72 -1.32 8.46
N CYS A 203 14.88 -0.39 7.52
CA CYS A 203 15.69 0.78 7.77
C CYS A 203 15.04 1.60 8.88
N VAL A 204 13.72 1.65 8.86
CA VAL A 204 12.99 2.38 9.90
C VAL A 204 13.24 1.72 11.25
N SER A 205 13.10 0.40 11.32
CA SER A 205 13.33 -0.26 12.60
C SER A 205 14.82 -0.22 12.98
N ALA A 206 15.69 -0.22 11.97
CA ALA A 206 17.14 -0.16 12.20
C ALA A 206 17.46 1.17 12.89
N PHE A 207 16.92 2.26 12.36
CA PHE A 207 17.13 3.56 12.95
C PHE A 207 16.77 3.59 14.42
N VAL A 208 15.68 2.92 14.78
CA VAL A 208 15.27 2.89 16.18
C VAL A 208 16.28 2.12 17.04
N LYS A 209 16.75 0.98 16.54
CA LYS A 209 17.71 0.20 17.30
C LYS A 209 19.03 0.95 17.47
N LEU A 210 19.59 1.43 16.35
CA LEU A 210 20.84 2.15 16.38
C LEU A 210 20.75 3.45 17.15
N ALA A 211 19.64 4.16 17.06
CA ALA A 211 19.50 5.40 17.83
C ALA A 211 19.55 5.02 19.31
N GLN A 212 18.93 3.89 19.64
CA GLN A 212 18.93 3.40 21.02
C GLN A 212 20.38 3.09 21.41
N SER A 213 21.10 2.47 20.49
CA SER A 213 22.50 2.08 20.69
C SER A 213 23.35 3.31 20.99
N GLU A 214 23.27 4.29 20.10
CA GLU A 214 24.02 5.53 20.25
C GLU A 214 23.73 6.22 21.58
N TYR A 215 22.47 6.26 21.99
CA TYR A 215 22.15 6.91 23.24
C TYR A 215 22.91 6.31 24.41
N ARG A 216 23.03 4.98 24.43
CA ARG A 216 23.76 4.33 25.52
C ARG A 216 25.22 4.77 25.52
N LEU A 217 25.86 4.67 24.36
CA LEU A 217 27.26 5.07 24.21
C LEU A 217 27.47 6.54 24.54
N LEU A 218 26.56 7.39 24.09
CA LEU A 218 26.67 8.82 24.36
C LEU A 218 26.62 9.10 25.85
N MET A 219 25.83 8.32 26.58
CA MET A 219 25.71 8.51 28.04
C MET A 219 27.00 8.29 28.80
N GLU A 220 27.89 7.47 28.24
CA GLU A 220 29.17 7.19 28.87
C GLU A 220 30.17 8.30 28.64
N ILE A 221 30.11 8.93 27.46
CA ILE A 221 31.04 9.97 27.05
C ILE A 221 30.60 11.42 27.19
N ILE A 222 29.31 11.69 27.07
CA ILE A 222 28.85 13.06 27.16
C ILE A 222 28.34 13.39 28.56
N PRO A 223 28.69 14.57 29.08
CA PRO A 223 28.26 14.98 30.42
C PRO A 223 26.73 15.15 30.46
N GLU A 224 26.15 14.82 31.60
CA GLU A 224 24.71 14.89 31.83
C GLU A 224 23.98 16.05 31.16
N HIS A 225 24.35 17.28 31.53
CA HIS A 225 23.70 18.47 30.99
C HIS A 225 23.72 18.66 29.48
N HIS A 226 24.65 18.02 28.79
CA HIS A 226 24.74 18.17 27.35
C HIS A 226 24.24 16.94 26.59
N GLN A 227 23.83 15.91 27.32
CA GLN A 227 23.38 14.68 26.68
C GLN A 227 22.23 14.82 25.69
N LYS A 228 21.12 15.40 26.14
CA LYS A 228 19.96 15.53 25.25
C LYS A 228 20.26 16.28 23.97
N LYS A 229 20.86 17.46 24.11
CA LYS A 229 21.20 18.30 22.97
C LYS A 229 22.14 17.56 22.02
N THR A 230 23.25 17.05 22.55
CA THR A 230 24.22 16.32 21.73
C THR A 230 23.56 15.13 21.01
N PHE A 231 22.69 14.41 21.70
CA PHE A 231 22.02 13.26 21.08
C PHE A 231 21.11 13.76 19.96
N ASP A 232 20.35 14.82 20.25
CA ASP A 232 19.43 15.37 19.26
C ASP A 232 20.17 15.71 17.97
N SER A 233 21.33 16.35 18.11
CA SER A 233 22.15 16.73 16.97
C SER A 233 22.70 15.51 16.24
N LEU A 234 23.06 14.49 17.02
CA LEU A 234 23.64 13.27 16.48
C LEU A 234 22.78 12.52 15.48
N ILE A 235 21.50 12.36 15.82
CA ILE A 235 20.55 11.62 14.98
C ILE A 235 19.87 12.39 13.85
N GLN A 236 20.09 13.70 13.80
CA GLN A 236 19.49 14.53 12.75
C GLN A 236 19.60 14.00 11.32
N ASP A 237 20.81 13.73 10.85
CA ASP A 237 20.98 13.27 9.48
C ASP A 237 20.37 11.90 9.18
N ALA A 238 20.60 10.92 10.04
CA ALA A 238 20.03 9.60 9.78
C ALA A 238 18.50 9.76 9.78
N LEU A 239 17.98 10.56 10.69
CA LEU A 239 16.55 10.78 10.77
C LEU A 239 16.02 11.48 9.51
N ASP A 240 16.68 12.55 9.09
CA ASP A 240 16.26 13.26 7.89
C ASP A 240 16.33 12.35 6.68
N GLY A 241 17.35 11.51 6.64
CA GLY A 241 17.50 10.59 5.52
C GLY A 241 16.37 9.58 5.48
N LEU A 242 15.82 9.29 6.65
CA LEU A 242 14.72 8.36 6.77
C LEU A 242 13.44 9.05 6.33
N MET A 243 13.28 10.30 6.74
CA MET A 243 12.10 11.08 6.38
C MET A 243 12.10 11.39 4.89
N LEU A 244 13.27 11.71 4.34
CA LEU A 244 13.39 12.01 2.92
C LEU A 244 12.96 10.79 2.10
N GLU A 245 13.49 9.63 2.46
CA GLU A 245 13.17 8.39 1.75
C GLU A 245 11.65 8.16 1.82
N GLY A 246 11.07 8.36 3.00
CA GLY A 246 9.64 8.19 3.15
C GLY A 246 8.88 9.13 2.23
N GLU A 247 9.34 10.38 2.12
CA GLU A 247 8.68 11.34 1.26
C GLU A 247 8.84 11.00 -0.23
N ASN A 248 9.95 10.37 -0.60
CA ASN A 248 10.14 9.99 -2.00
C ASN A 248 9.15 8.88 -2.34
N ILE A 249 8.83 8.05 -1.35
CA ILE A 249 7.89 6.96 -1.55
C ILE A 249 6.49 7.56 -1.71
N VAL A 250 6.20 8.60 -0.93
CA VAL A 250 4.92 9.28 -1.02
C VAL A 250 4.81 9.90 -2.41
N SER A 251 5.88 10.55 -2.83
CA SER A 251 5.97 11.21 -4.14
C SER A 251 5.82 10.20 -5.27
N ALA A 252 6.40 9.02 -5.12
CA ALA A 252 6.32 8.00 -6.14
C ALA A 252 4.86 7.55 -6.23
N ALA A 253 4.21 7.43 -5.08
CA ALA A 253 2.81 7.00 -5.03
C ALA A 253 1.98 8.01 -5.80
N ARG A 254 2.16 9.29 -5.48
CA ARG A 254 1.43 10.36 -6.13
C ARG A 254 1.48 10.23 -7.65
N LYS A 255 2.68 10.08 -8.19
CA LYS A 255 2.82 9.97 -9.65
C LYS A 255 2.17 8.71 -10.20
N ALA A 256 2.27 7.60 -9.47
CA ALA A 256 1.65 6.36 -9.91
C ALA A 256 0.15 6.59 -10.02
N ILE A 257 -0.42 7.28 -9.02
CA ILE A 257 -1.84 7.57 -8.99
C ILE A 257 -2.25 8.34 -10.23
N ILE A 258 -1.46 9.33 -10.61
CA ILE A 258 -1.75 10.13 -11.80
C ILE A 258 -1.78 9.24 -13.03
N ARG A 259 -0.84 8.30 -13.11
CA ARG A 259 -0.78 7.39 -14.25
C ARG A 259 -1.88 6.34 -14.10
N HIS A 260 -2.72 6.53 -13.08
CA HIS A 260 -3.83 5.63 -12.78
C HIS A 260 -3.34 4.27 -12.33
N ASP A 261 -2.07 4.19 -12.00
CA ASP A 261 -1.49 2.94 -11.52
C ASP A 261 -1.77 2.88 -10.02
N PHE A 262 -2.67 2.00 -9.61
CA PHE A 262 -2.99 1.92 -8.19
C PHE A 262 -2.38 0.76 -7.42
N SER A 263 -1.39 0.10 -8.02
CA SER A 263 -0.72 -1.00 -7.34
C SER A 263 0.44 -0.37 -6.59
N THR A 264 1.23 0.42 -7.30
CA THR A 264 2.38 1.11 -6.74
C THR A 264 1.88 2.13 -5.72
N VAL A 265 0.67 1.89 -5.22
CA VAL A 265 0.06 2.77 -4.24
C VAL A 265 -0.32 1.96 -3.01
N LEU A 266 -0.58 0.68 -3.20
CA LEU A 266 -0.95 -0.18 -2.08
C LEU A 266 0.28 -0.41 -1.21
N THR A 267 1.47 -0.28 -1.79
CA THR A 267 2.71 -0.49 -1.04
C THR A 267 2.89 0.57 0.03
N VAL A 268 1.96 1.52 0.07
CA VAL A 268 2.01 2.58 1.06
C VAL A 268 1.37 2.05 2.34
N PHE A 269 0.48 1.08 2.20
CA PHE A 269 -0.21 0.50 3.34
C PHE A 269 0.69 -0.27 4.31
N PRO A 270 1.62 -1.09 3.79
CA PRO A 270 2.49 -1.83 4.70
C PRO A 270 3.39 -0.85 5.46
N ILE A 271 3.95 0.10 4.70
CA ILE A 271 4.83 1.12 5.26
C ILE A 271 4.12 1.97 6.31
N LEU A 272 2.96 2.52 5.96
CA LEU A 272 2.22 3.35 6.90
C LEU A 272 1.94 2.55 8.16
N ARG A 273 1.59 1.27 7.99
CA ARG A 273 1.30 0.43 9.15
C ARG A 273 2.53 0.27 10.05
N HIS A 274 3.70 0.11 9.43
CA HIS A 274 4.94 -0.07 10.19
C HIS A 274 5.28 1.21 10.96
N LEU A 275 5.19 2.35 10.27
CA LEU A 275 5.47 3.63 10.91
C LEU A 275 4.58 3.82 12.13
N LYS A 276 3.31 3.51 12.00
CA LYS A 276 2.42 3.70 13.16
C LYS A 276 2.77 2.70 14.24
N GLN A 277 3.13 1.48 13.85
CA GLN A 277 3.50 0.46 14.83
C GLN A 277 4.77 0.83 15.58
N THR A 278 5.72 1.43 14.88
CA THR A 278 6.99 1.81 15.47
C THR A 278 6.99 3.13 16.26
N LYS A 279 6.03 4.00 15.96
CA LYS A 279 5.95 5.30 16.61
C LYS A 279 6.18 5.30 18.13
N PRO A 280 5.66 4.30 18.84
CA PRO A 280 5.87 4.27 20.29
C PRO A 280 7.34 4.14 20.69
N GLU A 281 8.10 3.36 19.91
CA GLU A 281 9.52 3.18 20.18
C GLU A 281 10.25 4.45 19.77
N PHE A 282 9.75 5.09 18.72
CA PHE A 282 10.34 6.32 18.23
C PHE A 282 10.26 7.43 19.28
N ASP A 283 9.07 7.61 19.83
CA ASP A 283 8.86 8.64 20.83
C ASP A 283 9.73 8.41 22.05
N GLN A 284 9.96 7.14 22.37
CA GLN A 284 10.79 6.80 23.54
C GLN A 284 12.23 7.27 23.34
N VAL A 285 12.86 6.82 22.25
CA VAL A 285 14.25 7.19 21.98
C VAL A 285 14.42 8.67 21.65
N LEU A 286 13.35 9.33 21.22
CA LEU A 286 13.42 10.75 20.88
C LEU A 286 12.93 11.67 21.98
N GLN A 287 12.57 11.10 23.12
CA GLN A 287 12.11 11.92 24.23
C GLN A 287 13.33 12.72 24.70
N GLY A 288 13.13 14.01 24.95
CA GLY A 288 14.27 14.81 25.38
C GLY A 288 14.83 15.64 24.24
N THR A 289 14.50 15.28 23.01
CA THR A 289 14.98 16.04 21.86
C THR A 289 14.03 17.21 21.59
N ALA A 290 14.39 18.04 20.61
CA ALA A 290 13.57 19.20 20.25
C ALA A 290 12.19 18.82 19.71
N ALA A 291 11.24 19.74 19.87
CA ALA A 291 9.89 19.52 19.36
C ALA A 291 9.97 19.33 17.85
N SER A 292 10.86 20.06 17.20
CA SER A 292 10.99 19.94 15.74
C SER A 292 11.56 18.61 15.32
N THR A 293 11.97 17.81 16.29
CA THR A 293 12.53 16.48 16.04
C THR A 293 11.47 15.42 16.30
N LYS A 294 10.79 15.53 17.43
CA LYS A 294 9.75 14.57 17.78
C LYS A 294 8.61 14.60 16.75
N ASN A 295 8.46 15.74 16.08
CA ASN A 295 7.43 15.95 15.06
C ASN A 295 7.73 15.43 13.67
N LYS A 296 8.95 15.01 13.42
CA LYS A 296 9.29 14.52 12.08
C LYS A 296 8.56 13.23 11.67
N LEU A 297 8.60 12.21 12.51
CA LEU A 297 7.92 10.97 12.17
C LEU A 297 6.42 11.23 11.93
N PRO A 298 5.74 11.91 12.87
CA PRO A 298 4.32 12.21 12.71
C PRO A 298 4.08 12.94 11.38
N GLY A 299 4.99 13.84 11.05
CA GLY A 299 4.89 14.57 9.80
C GLY A 299 4.79 13.60 8.63
N LEU A 300 5.69 12.61 8.60
CA LEU A 300 5.66 11.61 7.53
C LEU A 300 4.36 10.79 7.57
N ILE A 301 3.94 10.40 8.76
CA ILE A 301 2.71 9.61 8.88
C ILE A 301 1.51 10.37 8.28
N THR A 302 1.42 11.67 8.53
CA THR A 302 0.33 12.46 7.99
C THR A 302 0.47 12.51 6.47
N SER A 303 1.69 12.69 6.01
CA SER A 303 1.96 12.72 4.58
C SER A 303 1.53 11.41 3.92
N MET A 304 1.82 10.28 4.58
CA MET A 304 1.47 8.95 4.06
C MET A 304 -0.04 8.71 4.09
N GLU A 305 -0.68 9.05 5.20
CA GLU A 305 -2.12 8.87 5.31
C GLU A 305 -2.81 9.70 4.24
N THR A 306 -2.32 10.93 4.03
CA THR A 306 -2.88 11.81 3.03
C THR A 306 -2.81 11.26 1.61
N ILE A 307 -1.65 10.74 1.21
CA ILE A 307 -1.50 10.19 -0.14
C ILE A 307 -2.30 8.90 -0.26
N GLY A 308 -2.62 8.31 0.89
CA GLY A 308 -3.38 7.07 0.90
C GLY A 308 -4.85 7.35 0.63
N ALA A 309 -5.41 8.29 1.39
CA ALA A 309 -6.80 8.66 1.21
C ALA A 309 -6.96 9.09 -0.25
N LYS A 310 -6.06 9.95 -0.70
CA LYS A 310 -6.07 10.46 -2.07
C LYS A 310 -6.11 9.31 -3.07
N ALA A 311 -5.45 8.21 -2.72
CA ALA A 311 -5.41 7.04 -3.57
C ALA A 311 -6.78 6.36 -3.66
N LEU A 312 -7.40 6.12 -2.50
CA LEU A 312 -8.71 5.48 -2.44
C LEU A 312 -9.77 6.35 -3.06
N GLU A 313 -9.69 7.65 -2.77
CA GLU A 313 -10.65 8.60 -3.29
C GLU A 313 -10.57 8.73 -4.81
N ASP A 314 -9.35 8.90 -5.32
CA ASP A 314 -9.15 9.02 -6.77
C ASP A 314 -9.58 7.77 -7.50
N PHE A 315 -9.54 6.64 -6.80
CA PHE A 315 -9.93 5.38 -7.39
C PHE A 315 -11.46 5.30 -7.41
N ALA A 316 -12.07 5.76 -6.33
CA ALA A 316 -13.53 5.73 -6.27
C ALA A 316 -14.02 6.54 -7.46
N ASP A 317 -13.46 7.72 -7.63
CA ASP A 317 -13.83 8.61 -8.72
C ASP A 317 -13.50 8.10 -10.13
N ASN A 318 -12.40 7.36 -10.29
CA ASN A 318 -12.08 6.86 -11.62
C ASN A 318 -13.19 5.93 -12.06
N ILE A 319 -13.52 4.99 -11.18
CA ILE A 319 -14.58 4.04 -11.45
C ILE A 319 -15.85 4.77 -11.83
N LYS A 320 -16.18 5.80 -11.07
CA LYS A 320 -17.38 6.59 -11.32
C LYS A 320 -17.36 7.31 -12.66
N ASN A 321 -16.21 7.83 -13.05
CA ASN A 321 -16.10 8.57 -14.29
C ASN A 321 -15.54 7.81 -15.49
N ASP A 322 -15.41 6.49 -15.38
CA ASP A 322 -14.87 5.72 -16.50
C ASP A 322 -15.76 5.90 -17.73
N PRO A 323 -15.13 6.19 -18.89
CA PRO A 323 -15.82 6.41 -20.17
C PRO A 323 -16.91 5.37 -20.47
N ASP A 324 -18.13 5.85 -20.71
CA ASP A 324 -19.23 4.94 -21.00
C ASP A 324 -19.61 5.02 -22.48
N LYS A 325 -18.59 5.20 -23.33
CA LYS A 325 -18.81 5.28 -24.78
C LYS A 325 -18.57 3.94 -25.47
N GLU A 326 -19.08 3.81 -26.69
CA GLU A 326 -18.95 2.57 -27.46
C GLU A 326 -17.58 1.90 -27.52
N TYR A 327 -16.55 2.69 -27.80
CA TYR A 327 -15.20 2.15 -27.93
C TYR A 327 -14.74 1.18 -26.85
N ASN A 328 -14.99 1.46 -25.57
CA ASN A 328 -14.56 0.49 -24.55
C ASN A 328 -15.75 -0.29 -23.99
N MET A 329 -16.58 -0.80 -24.90
CA MET A 329 -17.74 -1.62 -24.53
C MET A 329 -17.73 -2.91 -25.33
N PRO A 330 -17.59 -4.05 -24.64
CA PRO A 330 -17.55 -5.35 -25.30
C PRO A 330 -18.76 -5.60 -26.20
N LYS A 331 -18.49 -5.87 -27.47
CA LYS A 331 -19.55 -6.11 -28.44
C LYS A 331 -20.44 -7.29 -28.03
N ASP A 332 -19.91 -8.16 -27.18
CA ASP A 332 -20.63 -9.35 -26.75
C ASP A 332 -21.26 -9.24 -25.34
N GLY A 333 -21.20 -8.05 -24.75
CA GLY A 333 -21.77 -7.81 -23.43
C GLY A 333 -21.27 -8.63 -22.26
N THR A 334 -20.03 -9.08 -22.30
CA THR A 334 -19.49 -9.88 -21.20
C THR A 334 -18.97 -9.02 -20.06
N VAL A 335 -18.39 -9.63 -19.04
CA VAL A 335 -17.87 -8.87 -17.92
C VAL A 335 -16.94 -7.77 -18.42
N HIS A 336 -17.03 -6.59 -17.83
CA HIS A 336 -16.20 -5.47 -18.24
C HIS A 336 -14.96 -5.32 -17.36
N GLU A 337 -13.86 -4.92 -17.98
CA GLU A 337 -12.58 -4.72 -17.30
C GLU A 337 -12.75 -3.87 -16.02
N LEU A 338 -13.57 -2.83 -16.12
CA LEU A 338 -13.80 -1.94 -14.98
C LEU A 338 -14.30 -2.72 -13.77
N THR A 339 -15.16 -3.70 -14.01
CA THR A 339 -15.72 -4.52 -12.94
C THR A 339 -14.66 -5.38 -12.27
N SER A 340 -13.87 -6.05 -13.09
CA SER A 340 -12.79 -6.91 -12.61
C SER A 340 -11.75 -6.10 -11.85
N ASN A 341 -11.41 -4.92 -12.38
CA ASN A 341 -10.42 -4.06 -11.73
C ASN A 341 -10.94 -3.58 -10.38
N ALA A 342 -12.18 -3.10 -10.36
CA ALA A 342 -12.77 -2.62 -9.12
C ALA A 342 -12.76 -3.73 -8.08
N ILE A 343 -13.22 -4.90 -8.48
CA ILE A 343 -13.27 -6.04 -7.56
C ILE A 343 -11.90 -6.40 -6.98
N LEU A 344 -10.89 -6.56 -7.83
CA LEU A 344 -9.55 -6.91 -7.38
C LEU A 344 -9.06 -5.88 -6.37
N PHE A 345 -9.05 -4.62 -6.80
CA PHE A 345 -8.62 -3.53 -5.95
C PHE A 345 -9.24 -3.54 -4.58
N LEU A 346 -10.49 -4.00 -4.48
CA LEU A 346 -11.17 -4.05 -3.18
C LEU A 346 -10.72 -5.27 -2.39
N GLN A 347 -10.24 -6.29 -3.10
CA GLN A 347 -9.79 -7.50 -2.44
C GLN A 347 -8.52 -7.17 -1.67
N GLN A 348 -7.66 -6.39 -2.30
CA GLN A 348 -6.41 -6.00 -1.69
C GLN A 348 -6.65 -5.24 -0.39
N LEU A 349 -7.63 -4.34 -0.36
CA LEU A 349 -7.90 -3.59 0.85
C LEU A 349 -8.13 -4.49 2.07
N LEU A 350 -8.64 -5.70 1.85
CA LEU A 350 -8.88 -6.60 2.95
C LEU A 350 -7.61 -6.88 3.74
N ASP A 351 -6.50 -7.02 3.01
CA ASP A 351 -5.21 -7.28 3.64
C ASP A 351 -4.84 -6.20 4.66
N PHE A 352 -5.34 -4.99 4.50
CA PHE A 352 -5.01 -3.90 5.43
C PHE A 352 -6.22 -3.09 5.88
N GLN A 353 -7.25 -3.75 6.38
CA GLN A 353 -8.45 -3.04 6.81
C GLN A 353 -8.19 -1.92 7.81
N GLU A 354 -7.63 -2.28 8.96
CA GLU A 354 -7.32 -1.33 10.02
C GLU A 354 -6.48 -0.15 9.51
N THR A 355 -5.51 -0.46 8.65
CA THR A 355 -4.66 0.58 8.09
C THR A 355 -5.49 1.49 7.20
N ALA A 356 -6.25 0.87 6.29
CA ALA A 356 -7.11 1.61 5.38
C ALA A 356 -8.16 2.37 6.17
N GLY A 357 -8.77 1.69 7.13
CA GLY A 357 -9.79 2.32 7.96
C GLY A 357 -9.29 3.53 8.73
N ALA A 358 -8.16 3.38 9.39
CA ALA A 358 -7.57 4.46 10.18
C ALA A 358 -7.13 5.59 9.24
N MET A 359 -6.74 5.20 8.03
CA MET A 359 -6.28 6.15 7.04
C MET A 359 -7.42 7.08 6.64
N LEU A 360 -8.55 6.51 6.23
CA LEU A 360 -9.71 7.31 5.86
C LEU A 360 -10.17 8.09 7.10
N ALA A 361 -10.15 7.41 8.24
CA ALA A 361 -10.58 8.03 9.51
C ALA A 361 -9.83 9.32 9.80
N SER A 362 -8.50 9.27 9.58
CA SER A 362 -7.63 10.41 9.84
C SER A 362 -7.84 11.61 8.92
N GLN A 363 -8.69 11.46 7.92
CA GLN A 363 -8.95 12.58 7.03
C GLN A 363 -10.27 13.23 7.41
N GLU A 364 -10.97 12.60 8.37
CA GLU A 364 -12.26 13.09 8.84
C GLU A 364 -12.09 14.22 9.86
N SER A 373 -11.02 5.30 17.65
CA SER A 373 -12.01 4.23 17.81
C SER A 373 -11.89 3.21 16.66
N SER A 374 -11.89 1.93 17.02
CA SER A 374 -11.78 0.85 16.03
C SER A 374 -13.04 0.64 15.19
N GLU A 375 -14.20 0.64 15.85
CA GLU A 375 -15.46 0.44 15.16
C GLU A 375 -15.70 1.56 14.15
N PHE A 376 -15.31 2.77 14.51
CA PHE A 376 -15.49 3.93 13.65
C PHE A 376 -14.80 3.77 12.29
N SER A 377 -13.50 3.43 12.31
CA SER A 377 -12.76 3.25 11.07
C SER A 377 -13.26 2.04 10.30
N LYS A 378 -13.87 1.09 11.02
CA LYS A 378 -14.40 -0.11 10.39
C LYS A 378 -15.60 0.30 9.53
N ARG A 379 -16.50 1.08 10.12
CA ARG A 379 -17.68 1.56 9.42
C ARG A 379 -17.30 2.48 8.26
N LEU A 380 -16.29 3.31 8.48
CA LEU A 380 -15.82 4.24 7.44
C LEU A 380 -15.33 3.43 6.26
N LEU A 381 -14.55 2.40 6.55
CA LEU A 381 -14.00 1.52 5.52
C LEU A 381 -15.14 0.88 4.74
N SER A 382 -16.12 0.35 5.46
CA SER A 382 -17.28 -0.28 4.85
C SER A 382 -17.97 0.71 3.91
N THR A 383 -18.22 1.91 4.44
CA THR A 383 -18.85 2.99 3.69
C THR A 383 -18.10 3.22 2.39
N TYR A 384 -16.78 3.35 2.49
CA TYR A 384 -15.94 3.58 1.30
C TYR A 384 -16.09 2.45 0.28
N ILE A 385 -16.09 1.22 0.77
CA ILE A 385 -16.21 0.05 -0.10
C ILE A 385 -17.57 0.07 -0.81
N CYS A 386 -18.62 0.38 -0.07
CA CYS A 386 -19.96 0.45 -0.65
C CYS A 386 -20.01 1.53 -1.71
N LYS A 387 -19.29 2.62 -1.46
CA LYS A 387 -19.24 3.75 -2.38
C LYS A 387 -18.61 3.36 -3.71
N VAL A 388 -17.54 2.56 -3.67
CA VAL A 388 -16.89 2.13 -4.91
C VAL A 388 -17.88 1.26 -5.69
N LEU A 389 -18.48 0.30 -5.00
CA LEU A 389 -19.45 -0.60 -5.61
C LEU A 389 -20.62 0.19 -6.19
N GLY A 390 -21.18 1.10 -5.39
CA GLY A 390 -22.28 1.94 -5.86
C GLY A 390 -21.81 2.69 -7.09
N ASN A 391 -20.58 3.17 -7.03
CA ASN A 391 -20.01 3.90 -8.16
C ASN A 391 -19.92 2.95 -9.36
N LEU A 392 -19.46 1.73 -9.11
CA LEU A 392 -19.32 0.76 -10.18
C LEU A 392 -20.69 0.43 -10.80
N GLN A 393 -21.65 0.06 -9.95
CA GLN A 393 -22.99 -0.27 -10.41
C GLN A 393 -23.65 0.89 -11.19
N LEU A 394 -23.53 2.10 -10.67
CA LEU A 394 -24.10 3.27 -11.34
C LEU A 394 -23.42 3.48 -12.67
N ASN A 395 -22.14 3.16 -12.75
CA ASN A 395 -21.42 3.34 -14.01
C ASN A 395 -21.78 2.29 -15.03
N LEU A 396 -21.96 1.05 -14.59
CA LEU A 396 -22.33 -0.05 -15.49
C LEU A 396 -23.69 0.23 -16.14
N LEU A 397 -24.60 0.81 -15.35
CA LEU A 397 -25.94 1.16 -15.85
C LEU A 397 -25.81 2.08 -17.03
N SER A 398 -25.03 3.14 -16.85
CA SER A 398 -24.82 4.10 -17.92
C SER A 398 -24.17 3.41 -19.11
N LYS A 399 -23.22 2.53 -18.83
CA LYS A 399 -22.55 1.81 -19.91
C LYS A 399 -23.52 0.94 -20.69
N SER A 400 -24.34 0.17 -19.99
CA SER A 400 -25.28 -0.73 -20.65
C SER A 400 -26.17 -0.02 -21.67
N LYS A 401 -26.35 1.28 -21.51
CA LYS A 401 -27.18 2.06 -22.42
C LYS A 401 -26.56 2.22 -23.81
N VAL A 402 -25.33 1.74 -23.98
CA VAL A 402 -24.64 1.84 -25.26
C VAL A 402 -25.19 0.87 -26.31
N TYR A 403 -25.59 -0.32 -25.87
CA TYR A 403 -26.14 -1.31 -26.79
C TYR A 403 -27.50 -0.88 -27.31
N GLU A 404 -27.77 -1.09 -28.60
CA GLU A 404 -29.07 -0.69 -29.15
C GLU A 404 -30.11 -1.72 -28.76
N ASP A 405 -29.68 -2.97 -28.56
CA ASP A 405 -30.58 -4.05 -28.18
C ASP A 405 -30.71 -4.15 -26.66
N PRO A 406 -31.86 -3.77 -26.10
CA PRO A 406 -32.07 -3.82 -24.64
C PRO A 406 -31.83 -5.18 -23.99
N ALA A 407 -31.92 -6.25 -24.78
CA ALA A 407 -31.70 -7.58 -24.21
C ALA A 407 -30.20 -7.79 -23.99
N LEU A 408 -29.38 -7.19 -24.84
CA LEU A 408 -27.93 -7.32 -24.68
C LEU A 408 -27.52 -6.49 -23.47
N SER A 409 -28.14 -5.32 -23.32
CA SER A 409 -27.85 -4.45 -22.19
C SER A 409 -28.12 -5.25 -20.93
N ALA A 410 -29.22 -6.01 -20.97
CA ALA A 410 -29.63 -6.82 -19.84
C ALA A 410 -28.61 -7.92 -19.57
N ILE A 411 -28.12 -8.54 -20.65
CA ILE A 411 -27.14 -9.61 -20.50
C ILE A 411 -25.85 -9.01 -19.89
N PHE A 412 -25.42 -7.87 -20.42
CA PHE A 412 -24.25 -7.15 -19.93
C PHE A 412 -24.42 -6.95 -18.42
N LEU A 413 -25.53 -6.31 -18.03
CA LEU A 413 -25.76 -6.07 -16.60
C LEU A 413 -25.83 -7.36 -15.79
N HIS A 414 -26.37 -8.41 -16.40
CA HIS A 414 -26.44 -9.69 -15.72
C HIS A 414 -25.06 -10.26 -15.46
N ASN A 415 -24.21 -10.23 -16.48
CA ASN A 415 -22.86 -10.77 -16.36
C ASN A 415 -22.00 -10.04 -15.33
N ASN A 416 -22.10 -8.71 -15.31
CA ASN A 416 -21.34 -7.89 -14.37
C ASN A 416 -21.86 -7.93 -12.93
N TYR A 417 -23.18 -7.96 -12.75
CA TYR A 417 -23.75 -8.03 -11.40
C TYR A 417 -23.47 -9.41 -10.83
N ASN A 418 -23.50 -10.43 -11.68
CA ASN A 418 -23.24 -11.79 -11.25
C ASN A 418 -21.79 -11.85 -10.78
N TYR A 419 -20.88 -11.43 -11.66
CA TYR A 419 -19.46 -11.42 -11.36
C TYR A 419 -19.23 -10.77 -9.98
N ILE A 420 -19.80 -9.58 -9.78
CA ILE A 420 -19.67 -8.86 -8.52
C ILE A 420 -20.24 -9.60 -7.34
N LEU A 421 -21.46 -10.15 -7.50
CA LEU A 421 -22.13 -10.88 -6.43
C LEU A 421 -21.41 -12.19 -6.10
N LYS A 422 -20.62 -12.68 -7.05
CA LYS A 422 -19.89 -13.91 -6.83
C LYS A 422 -18.47 -13.59 -6.37
N SER A 423 -18.17 -12.30 -6.28
CA SER A 423 -16.85 -11.88 -5.83
C SER A 423 -16.93 -11.48 -4.35
N LEU A 424 -18.12 -11.08 -3.91
CA LEU A 424 -18.35 -10.70 -2.52
C LEU A 424 -18.67 -11.96 -1.75
N GLU A 425 -18.30 -13.09 -2.33
CA GLU A 425 -18.53 -14.40 -1.74
C GLU A 425 -17.27 -15.24 -1.90
N LYS A 426 -16.31 -14.71 -2.65
CA LYS A 426 -15.03 -15.37 -2.84
C LYS A 426 -14.05 -14.75 -1.83
N SER A 427 -14.48 -13.64 -1.22
CA SER A 427 -13.69 -12.93 -0.22
C SER A 427 -14.58 -12.52 0.97
N GLU A 428 -13.96 -11.92 2.00
CA GLU A 428 -14.70 -11.51 3.19
C GLU A 428 -15.31 -10.13 2.98
N LEU A 429 -15.30 -9.67 1.73
CA LEU A 429 -15.85 -8.37 1.35
C LEU A 429 -17.30 -8.19 1.77
N ILE A 430 -18.14 -9.18 1.48
CA ILE A 430 -19.56 -9.08 1.81
C ILE A 430 -19.76 -8.81 3.31
N GLN A 431 -18.80 -9.24 4.12
CA GLN A 431 -18.90 -9.03 5.56
C GLN A 431 -18.50 -7.59 5.88
N LEU A 432 -17.73 -6.98 4.98
CA LEU A 432 -17.30 -5.59 5.15
C LEU A 432 -18.43 -4.67 4.68
N VAL A 433 -19.08 -5.08 3.60
CA VAL A 433 -20.19 -4.33 3.03
C VAL A 433 -21.41 -4.39 3.94
N ALA A 434 -21.65 -5.56 4.51
CA ALA A 434 -22.78 -5.79 5.40
C ALA A 434 -22.81 -4.82 6.57
N VAL A 435 -21.63 -4.40 7.02
CA VAL A 435 -21.52 -3.47 8.14
C VAL A 435 -22.44 -2.26 7.98
N THR A 436 -22.59 -1.80 6.74
CA THR A 436 -23.44 -0.64 6.46
C THR A 436 -24.51 -0.94 5.42
N GLN A 437 -24.35 -2.04 4.70
CA GLN A 437 -25.32 -2.47 3.68
C GLN A 437 -25.85 -3.84 4.05
N LYS A 438 -26.83 -3.85 4.95
CA LYS A 438 -27.42 -5.09 5.42
C LYS A 438 -27.85 -6.06 4.32
N THR A 439 -28.83 -5.67 3.52
CA THR A 439 -29.36 -6.54 2.46
C THR A 439 -28.64 -6.58 1.11
N ALA A 440 -27.48 -5.95 1.02
CA ALA A 440 -26.70 -5.89 -0.23
C ALA A 440 -26.72 -7.18 -1.06
N GLU A 441 -26.41 -8.30 -0.42
CA GLU A 441 -26.37 -9.58 -1.11
C GLU A 441 -27.72 -9.92 -1.73
N ARG A 442 -28.79 -9.68 -0.97
CA ARG A 442 -30.13 -9.97 -1.47
C ARG A 442 -30.42 -9.09 -2.69
N SER A 443 -30.06 -7.81 -2.59
CA SER A 443 -30.28 -6.86 -3.67
C SER A 443 -29.62 -7.27 -4.99
N TYR A 444 -28.38 -7.74 -4.92
CA TYR A 444 -27.71 -8.16 -6.16
C TYR A 444 -28.46 -9.30 -6.80
N ARG A 445 -28.90 -10.26 -5.98
CA ARG A 445 -29.64 -11.40 -6.51
C ARG A 445 -30.91 -10.92 -7.22
N GLU A 446 -31.66 -10.04 -6.59
CA GLU A 446 -32.87 -9.51 -7.19
C GLU A 446 -32.58 -8.78 -8.51
N HIS A 447 -31.54 -7.95 -8.54
CA HIS A 447 -31.19 -7.26 -9.78
C HIS A 447 -30.79 -8.24 -10.87
N ILE A 448 -30.07 -9.30 -10.49
CA ILE A 448 -29.64 -10.30 -11.46
C ILE A 448 -30.84 -11.01 -12.09
N GLU A 449 -31.81 -11.37 -11.24
CA GLU A 449 -33.02 -12.02 -11.69
C GLU A 449 -33.80 -11.10 -12.65
N GLN A 450 -33.96 -9.83 -12.25
CA GLN A 450 -34.69 -8.88 -13.08
C GLN A 450 -34.02 -8.70 -14.45
N GLN A 451 -32.69 -8.68 -14.47
CA GLN A 451 -32.02 -8.51 -15.74
C GLN A 451 -32.33 -9.71 -16.64
N ILE A 452 -32.39 -10.90 -16.06
CA ILE A 452 -32.69 -12.08 -16.86
C ILE A 452 -34.09 -11.92 -17.48
N GLN A 453 -35.05 -11.48 -16.66
CA GLN A 453 -36.41 -11.28 -17.16
C GLN A 453 -36.43 -10.26 -18.27
N THR A 454 -35.59 -9.23 -18.17
CA THR A 454 -35.57 -8.22 -19.22
C THR A 454 -35.01 -8.89 -20.47
N TYR A 455 -34.02 -9.75 -20.30
CA TYR A 455 -33.45 -10.47 -21.44
C TYR A 455 -34.54 -11.26 -22.17
N GLN A 456 -35.27 -12.05 -21.40
CA GLN A 456 -36.34 -12.91 -21.92
C GLN A 456 -37.33 -12.17 -22.80
N ARG A 457 -37.45 -10.84 -22.62
CA ARG A 457 -38.37 -10.06 -23.43
C ARG A 457 -38.05 -10.19 -24.92
N SER A 458 -36.80 -10.46 -25.25
CA SER A 458 -36.38 -10.56 -26.65
C SER A 458 -37.06 -11.71 -27.39
N TRP A 459 -37.61 -12.67 -26.64
CA TRP A 459 -38.29 -13.81 -27.26
C TRP A 459 -39.77 -13.59 -27.53
N LEU A 460 -40.35 -12.56 -26.92
CA LEU A 460 -41.77 -12.28 -27.10
C LEU A 460 -42.14 -12.07 -28.56
N LYS A 461 -41.22 -11.48 -29.32
CA LYS A 461 -41.43 -11.22 -30.74
C LYS A 461 -41.59 -12.53 -31.49
N VAL A 462 -40.94 -13.58 -30.97
CA VAL A 462 -41.01 -14.90 -31.58
C VAL A 462 -42.26 -15.65 -31.13
N THR A 463 -42.39 -15.83 -29.82
CA THR A 463 -43.52 -16.55 -29.24
C THR A 463 -44.90 -15.89 -29.41
N ASP A 464 -44.96 -14.57 -29.59
CA ASP A 464 -46.26 -13.90 -29.77
C ASP A 464 -47.01 -14.44 -31.00
N TYR A 465 -46.27 -14.95 -31.98
CA TYR A 465 -46.88 -15.49 -33.19
C TYR A 465 -47.68 -16.76 -32.92
N ILE A 466 -47.20 -17.57 -31.98
CA ILE A 466 -47.86 -18.83 -31.67
C ILE A 466 -48.50 -18.96 -30.28
N ALA A 467 -48.72 -17.85 -29.59
CA ALA A 467 -49.35 -17.88 -28.26
C ALA A 467 -50.88 -17.95 -28.39
N GLU A 468 -51.54 -18.36 -27.32
CA GLU A 468 -52.99 -18.46 -27.31
C GLU A 468 -53.68 -17.19 -27.79
N LYS A 469 -53.24 -16.05 -27.27
CA LYS A 469 -53.83 -14.76 -27.65
C LYS A 469 -53.79 -14.48 -29.14
N ASN A 470 -52.94 -15.19 -29.87
CA ASN A 470 -52.85 -14.97 -31.31
C ASN A 470 -53.48 -16.14 -32.06
N LEU A 471 -54.21 -16.98 -31.35
CA LEU A 471 -54.84 -18.12 -31.99
C LEU A 471 -56.37 -18.08 -31.86
N PRO A 472 -57.07 -18.75 -32.78
CA PRO A 472 -58.53 -18.77 -32.75
C PRO A 472 -59.07 -19.42 -31.48
N VAL A 473 -60.13 -18.83 -30.94
CA VAL A 473 -60.77 -19.32 -29.71
C VAL A 473 -61.24 -20.77 -29.88
N PHE A 474 -61.86 -21.07 -31.02
CA PHE A 474 -62.35 -22.42 -31.28
C PHE A 474 -61.34 -23.18 -32.15
N GLN A 475 -61.22 -24.48 -31.91
CA GLN A 475 -60.31 -25.33 -32.68
C GLN A 475 -61.12 -26.27 -33.57
N PRO A 476 -61.64 -25.74 -34.70
CA PRO A 476 -62.45 -26.49 -35.66
C PRO A 476 -61.70 -27.55 -36.43
N GLY A 477 -62.44 -28.39 -37.16
CA GLY A 477 -61.82 -29.45 -37.94
C GLY A 477 -62.72 -29.94 -39.05
N VAL A 478 -63.79 -29.18 -39.32
CA VAL A 478 -64.74 -29.54 -40.38
C VAL A 478 -64.03 -29.56 -41.73
N LYS A 479 -63.12 -28.60 -41.92
CA LYS A 479 -62.35 -28.46 -43.15
C LYS A 479 -61.68 -27.08 -43.21
N LEU A 480 -60.36 -27.06 -43.15
CA LEU A 480 -59.62 -25.82 -43.19
C LEU A 480 -59.94 -24.97 -44.41
N ARG A 481 -60.60 -23.84 -44.18
CA ARG A 481 -60.94 -22.93 -45.26
C ARG A 481 -59.73 -22.02 -45.51
N ASP A 482 -59.65 -21.44 -46.71
CA ASP A 482 -58.55 -20.56 -47.10
C ASP A 482 -58.00 -19.60 -46.03
N LYS A 483 -58.85 -19.01 -45.20
CA LYS A 483 -58.37 -18.11 -44.16
C LYS A 483 -57.61 -18.86 -43.07
N GLU A 484 -58.21 -19.92 -42.56
CA GLU A 484 -57.58 -20.75 -41.53
C GLU A 484 -56.16 -21.12 -41.94
N ARG A 485 -56.01 -21.57 -43.17
CA ARG A 485 -54.72 -21.97 -43.70
C ARG A 485 -53.73 -20.83 -43.83
N GLN A 486 -54.21 -19.67 -44.29
CA GLN A 486 -53.30 -18.55 -44.43
C GLN A 486 -52.82 -18.11 -43.05
N MET A 487 -53.71 -18.18 -42.07
CA MET A 487 -53.41 -17.81 -40.69
C MET A 487 -52.29 -18.71 -40.18
N ILE A 488 -52.44 -20.01 -40.41
CA ILE A 488 -51.43 -20.97 -39.96
C ILE A 488 -50.09 -20.69 -40.64
N LYS A 489 -50.12 -20.39 -41.93
CA LYS A 489 -48.89 -20.11 -42.67
C LYS A 489 -48.22 -18.88 -42.06
N GLU A 490 -49.00 -17.81 -41.95
CA GLU A 490 -48.55 -16.55 -41.39
C GLU A 490 -47.85 -16.74 -40.06
N ARG A 491 -48.36 -17.65 -39.24
CA ARG A 491 -47.76 -17.87 -37.93
C ARG A 491 -46.48 -18.70 -37.96
N PHE A 492 -46.41 -19.72 -38.81
CA PHE A 492 -45.18 -20.50 -38.89
C PHE A 492 -44.06 -19.61 -39.40
N LYS A 493 -44.37 -18.83 -40.42
CA LYS A 493 -43.38 -17.92 -41.00
C LYS A 493 -42.93 -16.87 -39.99
N GLY A 494 -43.87 -16.33 -39.21
CA GLY A 494 -43.50 -15.34 -38.22
C GLY A 494 -42.59 -15.95 -37.16
N PHE A 495 -42.93 -17.15 -36.71
CA PHE A 495 -42.13 -17.83 -35.70
C PHE A 495 -40.75 -18.18 -36.26
N ASN A 496 -40.72 -18.81 -37.43
CA ASN A 496 -39.45 -19.20 -38.05
C ASN A 496 -38.52 -18.02 -38.34
N ASP A 497 -39.07 -16.95 -38.93
CA ASP A 497 -38.24 -15.78 -39.22
C ASP A 497 -37.70 -15.20 -37.91
N GLY A 498 -38.57 -15.09 -36.90
CA GLY A 498 -38.17 -14.54 -35.62
C GLY A 498 -37.13 -15.38 -34.91
N LEU A 499 -37.29 -16.70 -34.93
CA LEU A 499 -36.33 -17.60 -34.29
C LEU A 499 -34.96 -17.49 -34.96
N GLU A 500 -34.94 -17.47 -36.28
CA GLU A 500 -33.71 -17.38 -37.04
C GLU A 500 -33.03 -16.03 -36.85
N GLU A 501 -33.83 -14.97 -36.84
CA GLU A 501 -33.33 -13.61 -36.66
C GLU A 501 -32.66 -13.50 -35.29
N LEU A 502 -33.36 -13.95 -34.25
CA LEU A 502 -32.85 -13.90 -32.89
C LEU A 502 -31.58 -14.71 -32.74
N CYS A 503 -31.63 -15.97 -33.15
CA CYS A 503 -30.46 -16.85 -33.03
C CYS A 503 -29.24 -16.30 -33.77
N LYS A 504 -29.48 -15.62 -34.89
CA LYS A 504 -28.37 -15.05 -35.64
C LYS A 504 -27.71 -13.96 -34.80
N ILE A 505 -28.53 -13.02 -34.32
CA ILE A 505 -28.03 -11.91 -33.51
C ILE A 505 -27.48 -12.30 -32.14
N GLN A 506 -28.14 -13.21 -31.43
CA GLN A 506 -27.69 -13.59 -30.10
C GLN A 506 -26.60 -14.66 -29.98
N LYS A 507 -26.18 -15.28 -31.08
CA LYS A 507 -25.14 -16.30 -30.96
C LYS A 507 -23.82 -15.71 -30.47
N VAL A 508 -23.58 -14.45 -30.83
CA VAL A 508 -22.37 -13.72 -30.42
C VAL A 508 -22.36 -13.56 -28.90
N TRP A 509 -23.42 -12.95 -28.38
CA TRP A 509 -23.59 -12.69 -26.95
C TRP A 509 -22.91 -13.72 -26.03
N ALA A 510 -22.35 -13.24 -24.92
CA ALA A 510 -21.68 -14.13 -24.00
C ALA A 510 -22.25 -14.11 -22.58
N ILE A 511 -22.12 -15.25 -21.93
CA ILE A 511 -22.54 -15.44 -20.54
C ILE A 511 -21.42 -16.32 -19.99
N PRO A 512 -20.30 -15.71 -19.56
CA PRO A 512 -19.11 -16.36 -19.00
C PRO A 512 -19.40 -17.40 -17.95
N ASP A 513 -20.28 -17.07 -17.02
CA ASP A 513 -20.60 -18.02 -15.95
C ASP A 513 -21.44 -19.15 -16.53
N THR A 514 -20.76 -20.24 -16.92
CA THR A 514 -21.43 -21.40 -17.50
C THR A 514 -22.66 -21.85 -16.70
N GLU A 515 -22.55 -21.79 -15.37
CA GLU A 515 -23.67 -22.18 -14.52
C GLU A 515 -24.93 -21.34 -14.79
N GLN A 516 -24.74 -20.04 -15.02
CA GLN A 516 -25.84 -19.13 -15.30
C GLN A 516 -26.27 -19.27 -16.75
N ARG A 517 -25.31 -19.57 -17.63
CA ARG A 517 -25.61 -19.73 -19.03
C ARG A 517 -26.56 -20.89 -19.21
N ASP A 518 -26.32 -21.95 -18.46
CA ASP A 518 -27.16 -23.13 -18.54
C ASP A 518 -28.58 -22.88 -18.00
N LYS A 519 -28.69 -22.16 -16.89
CA LYS A 519 -30.00 -21.87 -16.31
C LYS A 519 -30.82 -20.98 -17.26
N ILE A 520 -30.16 -20.00 -17.86
CA ILE A 520 -30.86 -19.11 -18.77
C ILE A 520 -31.32 -19.86 -20.03
N ARG A 521 -30.47 -20.74 -20.56
CA ARG A 521 -30.82 -21.52 -21.74
C ARG A 521 -31.99 -22.45 -21.42
N GLN A 522 -31.90 -23.12 -20.28
CA GLN A 522 -32.94 -24.04 -19.82
C GLN A 522 -34.28 -23.35 -19.75
N ALA A 523 -34.31 -22.25 -18.99
CA ALA A 523 -35.52 -21.48 -18.81
C ALA A 523 -36.13 -21.14 -20.16
N GLN A 524 -35.30 -20.67 -21.08
CA GLN A 524 -35.81 -20.31 -22.40
C GLN A 524 -36.32 -21.51 -23.19
N LYS A 525 -35.68 -22.68 -23.03
CA LYS A 525 -36.15 -23.85 -23.76
C LYS A 525 -37.51 -24.28 -23.23
N ASP A 526 -37.66 -24.33 -21.92
CA ASP A 526 -38.92 -24.71 -21.32
C ASP A 526 -40.04 -23.84 -21.86
N ILE A 527 -39.78 -22.53 -21.89
CA ILE A 527 -40.75 -21.56 -22.38
C ILE A 527 -41.08 -21.73 -23.86
N VAL A 528 -40.05 -21.66 -24.71
CA VAL A 528 -40.27 -21.77 -26.15
C VAL A 528 -40.68 -23.14 -26.64
N LYS A 529 -40.14 -24.20 -26.04
CA LYS A 529 -40.48 -25.56 -26.44
C LYS A 529 -41.96 -25.83 -26.21
N GLU A 530 -42.43 -25.50 -25.01
CA GLU A 530 -43.83 -25.71 -24.69
C GLU A 530 -44.79 -25.03 -25.67
N THR A 531 -44.65 -23.73 -25.86
CA THR A 531 -45.53 -23.02 -26.78
C THR A 531 -45.43 -23.57 -28.20
N TYR A 532 -44.21 -23.70 -28.70
CA TYR A 532 -44.05 -24.19 -30.06
C TYR A 532 -44.61 -25.58 -30.25
N GLY A 533 -44.39 -26.44 -29.25
CA GLY A 533 -44.88 -27.80 -29.33
C GLY A 533 -46.40 -27.81 -29.49
N ALA A 534 -47.08 -27.11 -28.59
CA ALA A 534 -48.53 -27.02 -28.64
C ALA A 534 -48.95 -26.53 -30.04
N PHE A 535 -48.33 -25.45 -30.49
CA PHE A 535 -48.65 -24.89 -31.79
C PHE A 535 -48.46 -25.90 -32.90
N LEU A 536 -47.32 -26.57 -32.89
CA LEU A 536 -46.99 -27.55 -33.91
C LEU A 536 -47.96 -28.72 -33.90
N HIS A 537 -48.29 -29.23 -32.73
CA HIS A 537 -49.21 -30.35 -32.65
C HIS A 537 -50.57 -29.99 -33.23
N ARG A 538 -51.14 -28.89 -32.77
CA ARG A 538 -52.46 -28.45 -33.20
C ARG A 538 -52.58 -28.02 -34.65
N TYR A 539 -51.58 -27.33 -35.20
CA TYR A 539 -51.69 -26.89 -36.58
C TYR A 539 -50.76 -27.52 -37.60
N GLY A 540 -49.76 -28.24 -37.13
CA GLY A 540 -48.84 -28.86 -38.06
C GLY A 540 -49.50 -30.10 -38.66
N SER A 541 -50.25 -30.81 -37.83
CA SER A 541 -50.94 -32.01 -38.26
C SER A 541 -51.92 -31.77 -39.41
N VAL A 542 -52.82 -30.81 -39.23
CA VAL A 542 -53.83 -30.49 -40.23
C VAL A 542 -53.24 -30.17 -41.61
N PRO A 543 -54.01 -30.38 -42.67
CA PRO A 543 -53.53 -30.08 -44.02
C PRO A 543 -53.76 -28.63 -44.39
N PHE A 544 -52.70 -27.83 -44.44
CA PHE A 544 -52.90 -26.42 -44.79
C PHE A 544 -52.11 -25.92 -45.99
N THR A 545 -51.31 -26.80 -46.61
CA THR A 545 -50.52 -26.36 -47.76
C THR A 545 -49.87 -27.47 -48.59
N LYS A 546 -49.60 -27.16 -49.85
CA LYS A 546 -48.94 -28.10 -50.75
C LYS A 546 -47.43 -27.87 -50.73
N ASN A 547 -46.97 -27.26 -49.64
CA ASN A 547 -45.56 -26.95 -49.42
C ASN A 547 -45.23 -26.93 -47.93
N PRO A 548 -45.32 -28.09 -47.25
CA PRO A 548 -45.04 -28.19 -45.81
C PRO A 548 -43.65 -27.70 -45.40
N GLU A 549 -42.61 -28.20 -46.08
CA GLU A 549 -41.23 -27.83 -45.77
C GLU A 549 -41.05 -26.32 -45.81
N LYS A 550 -41.95 -25.64 -46.51
CA LYS A 550 -41.89 -24.18 -46.66
C LYS A 550 -42.33 -23.47 -45.38
N TYR A 551 -43.22 -24.10 -44.62
CA TYR A 551 -43.72 -23.51 -43.39
C TYR A 551 -43.29 -24.22 -42.11
N ILE A 552 -43.29 -25.54 -42.12
CA ILE A 552 -42.83 -26.30 -40.95
C ILE A 552 -41.37 -26.61 -41.25
N LYS A 553 -40.49 -25.87 -40.60
CA LYS A 553 -39.05 -26.02 -40.81
C LYS A 553 -38.31 -26.59 -39.62
N TYR A 554 -38.91 -26.49 -38.43
CA TYR A 554 -38.24 -26.97 -37.23
C TYR A 554 -39.05 -27.94 -36.39
N ARG A 555 -38.39 -28.98 -35.92
CA ARG A 555 -39.03 -29.94 -35.03
C ARG A 555 -38.82 -29.32 -33.65
N VAL A 556 -39.72 -29.59 -32.73
CA VAL A 556 -39.60 -29.05 -31.38
C VAL A 556 -38.18 -29.22 -30.82
N GLU A 557 -37.62 -30.41 -30.99
CA GLU A 557 -36.27 -30.70 -30.50
C GLU A 557 -35.27 -29.78 -31.16
N GLN A 558 -35.39 -29.61 -32.48
CA GLN A 558 -34.48 -28.76 -33.20
C GLN A 558 -34.47 -27.32 -32.67
N VAL A 559 -35.63 -26.82 -32.27
CA VAL A 559 -35.72 -25.47 -31.72
C VAL A 559 -34.88 -25.40 -30.45
N GLY A 560 -35.05 -26.42 -29.60
CA GLY A 560 -34.29 -26.50 -28.36
C GLY A 560 -32.78 -26.55 -28.60
N ASP A 561 -32.36 -27.14 -29.72
CA ASP A 561 -30.94 -27.22 -30.02
C ASP A 561 -30.41 -25.84 -30.37
N MET A 562 -31.21 -25.10 -31.14
CA MET A 562 -30.81 -23.76 -31.57
C MET A 562 -30.64 -22.86 -30.34
N ILE A 563 -31.48 -23.09 -29.33
CA ILE A 563 -31.42 -22.33 -28.09
C ILE A 563 -30.14 -22.69 -27.33
N ASP A 564 -29.85 -23.98 -27.21
CA ASP A 564 -28.64 -24.41 -26.51
C ASP A 564 -27.34 -23.93 -27.16
N ARG A 565 -27.38 -23.65 -28.45
CA ARG A 565 -26.18 -23.17 -29.14
C ARG A 565 -25.95 -21.68 -28.92
N LEU A 566 -26.87 -21.04 -28.20
CA LEU A 566 -26.75 -19.62 -27.91
C LEU A 566 -25.78 -19.36 -26.75
N PHE A 567 -25.10 -18.22 -26.82
CA PHE A 567 -24.14 -17.82 -25.78
C PHE A 567 -22.90 -18.71 -25.72
N ASP A 568 -22.34 -19.06 -26.88
CA ASP A 568 -21.15 -19.89 -26.92
C ASP A 568 -20.45 -19.68 -28.24
N THR A 569 -19.53 -18.72 -28.28
CA THR A 569 -18.79 -18.41 -29.51
C THR A 569 -18.23 -19.71 -30.10
N SER A 570 -19.01 -20.30 -31.01
CA SER A 570 -18.61 -21.55 -31.66
C SER A 570 -18.58 -22.68 -30.63
#